data_5Q1X
#
_entry.id   5Q1X
#
_cell.length_a   52.150
_cell.length_b   57.230
_cell.length_c   115.080
_cell.angle_alpha   90.000
_cell.angle_beta   90.000
_cell.angle_gamma   90.000
#
_symmetry.space_group_name_H-M   'P 21 21 21'
#
loop_
_entity.id
_entity.type
_entity.pdbx_description
1 polymer 'DNA cross-link repair 1A protein'
2 non-polymer 'MALONATE ION'
3 non-polymer 'NICKEL (II) ION'
4 non-polymer 2,4-bis(fluoranyl)-6-(1~{H}-pyrazol-3-yl)phenol
5 water water
#
_entity_poly.entity_id   1
_entity_poly.type   'polypeptide(L)'
_entity_poly.pdbx_seq_one_letter_code
;KKTCPFYKKIPGTGFTVDAFQYGVVEGCTAYFLTHFHSDHYAGLSKHFTFPVYCSEITGNLLKNKLHVQEQYIHPLPLDT
ECIVNGVKVVLLDANHCPGAVMILFYLPNGTVILHTGDFRADPSMERSLLADQKVHMLYLDTTYCSPEYTFPSQQEVIRF
AINTAFEAVTLNPHALVVCGTYSIGKEKVFLAIADVLGSKVGMSQEKYKTLQCLNIPEINSLITTDMCSSLVHLLPMMQI
NFKGLQSHLKKCGGKYNQILAFRPTGWTHSNKFTRIADVIPQTKGNISIYGIPYSEHSSYLEMKRFVQWLKPQKIIPTVN
VGTWKSRSTMEKYFREWKLEAGY
;
_entity_poly.pdbx_strand_id   A
#
# COMPACT_ATOMS: atom_id res chain seq x y z
N THR A 3 -4.25 23.73 -9.67
CA THR A 3 -2.97 24.17 -9.02
C THR A 3 -2.57 23.31 -7.81
N CYS A 4 -1.26 23.18 -7.62
CA CYS A 4 -0.70 22.30 -6.60
C CYS A 4 -1.01 22.79 -5.18
N PRO A 5 -1.64 21.95 -4.33
CA PRO A 5 -1.99 22.37 -2.96
C PRO A 5 -0.79 22.45 -2.01
N PHE A 6 -0.95 23.24 -0.95
CA PHE A 6 0.14 23.54 0.01
C PHE A 6 0.75 22.30 0.66
N TYR A 7 -0.09 21.31 0.97
CA TYR A 7 0.37 20.09 1.67
C TYR A 7 1.19 19.11 0.80
N LYS A 8 1.39 19.45 -0.48
CA LYS A 8 2.29 18.71 -1.37
C LYS A 8 3.60 19.46 -1.68
N LYS A 9 3.80 20.63 -1.07
CA LYS A 9 5.02 21.40 -1.23
C LYS A 9 5.90 21.29 0.01
N ILE A 10 7.21 21.24 -0.19
CA ILE A 10 8.19 21.19 0.90
C ILE A 10 8.89 22.56 1.00
N PRO A 11 8.56 23.35 2.04
CA PRO A 11 9.03 24.74 2.06
C PRO A 11 10.55 24.87 2.22
N GLY A 12 11.12 25.86 1.55
CA GLY A 12 12.56 26.11 1.59
C GLY A 12 13.38 25.20 0.70
N THR A 13 12.69 24.45 -0.17
CA THR A 13 13.30 23.59 -1.17
C THR A 13 12.60 23.82 -2.50
N GLY A 14 13.15 23.23 -3.55
CA GLY A 14 12.44 23.14 -4.84
C GLY A 14 11.68 21.84 -5.02
N PHE A 15 11.21 21.23 -3.92
CA PHE A 15 10.64 19.87 -3.98
C PHE A 15 9.13 19.84 -3.84
N THR A 16 8.49 18.93 -4.60
CA THR A 16 7.11 18.52 -4.34
C THR A 16 7.05 17.01 -4.11
N VAL A 17 5.95 16.57 -3.52
CA VAL A 17 5.70 15.15 -3.23
C VAL A 17 4.33 14.75 -3.82
N ASP A 18 4.33 13.74 -4.70
CA ASP A 18 3.10 13.17 -5.29
C ASP A 18 2.26 14.25 -6.02
N ALA A 19 2.95 15.06 -6.81
CA ALA A 19 2.39 16.26 -7.44
C ALA A 19 2.60 16.27 -8.97
N PHE A 20 1.97 15.32 -9.67
CA PHE A 20 2.16 15.13 -11.11
C PHE A 20 0.94 15.52 -11.98
N GLN A 21 -0.16 15.95 -11.35
CA GLN A 21 -1.44 16.21 -12.04
C GLN A 21 -1.75 17.71 -12.21
N TYR A 22 -0.76 18.56 -11.96
CA TYR A 22 -0.94 20.02 -11.91
C TYR A 22 -0.13 20.77 -12.99
N GLY A 23 0.31 20.05 -14.03
CA GLY A 23 1.20 20.63 -15.03
C GLY A 23 2.58 20.94 -14.46
N VAL A 24 3.24 21.95 -14.99
CA VAL A 24 4.54 22.38 -14.50
C VAL A 24 4.32 23.18 -13.21
N VAL A 25 4.88 22.70 -12.11
CA VAL A 25 4.73 23.36 -10.80
C VAL A 25 5.82 24.43 -10.68
N GLU A 26 5.41 25.67 -10.43
CA GLU A 26 6.33 26.82 -10.41
C GLU A 26 7.43 26.64 -9.36
N GLY A 27 8.67 26.62 -9.83
CA GLY A 27 9.84 26.51 -8.95
C GLY A 27 10.22 25.09 -8.53
N CYS A 28 9.55 24.07 -9.07
CA CYS A 28 9.85 22.68 -8.72
C CYS A 28 11.01 22.16 -9.57
N THR A 29 12.12 21.86 -8.90
CA THR A 29 13.34 21.33 -9.54
C THR A 29 13.45 19.80 -9.46
N ALA A 30 12.66 19.17 -8.58
CA ALA A 30 12.65 17.71 -8.41
C ALA A 30 11.30 17.27 -7.84
N TYR A 31 10.71 16.25 -8.49
CA TYR A 31 9.41 15.71 -8.12
C TYR A 31 9.62 14.35 -7.45
N PHE A 32 9.26 14.23 -6.17
CA PHE A 32 9.31 12.94 -5.46
C PHE A 32 8.00 12.17 -5.63
N LEU A 33 8.11 10.84 -5.78
CA LEU A 33 6.94 9.95 -5.86
C LEU A 33 7.07 8.90 -4.74
N THR A 34 6.16 8.93 -3.77
CA THR A 34 6.27 8.01 -2.61
C THR A 34 5.99 6.55 -2.96
N HIS A 35 5.04 6.33 -3.88
CA HIS A 35 4.64 4.96 -4.26
C HIS A 35 3.79 4.95 -5.54
N PHE A 36 3.70 3.76 -6.16
CA PHE A 36 2.97 3.55 -7.42
C PHE A 36 1.48 3.20 -7.20
N HIS A 37 0.71 4.15 -6.64
CA HIS A 37 -0.76 4.10 -6.62
C HIS A 37 -1.31 5.29 -7.41
N SER A 38 -2.40 5.05 -8.15
CA SER A 38 -2.84 5.96 -9.21
C SER A 38 -3.16 7.39 -8.73
N ASP A 39 -3.75 7.54 -7.54
CA ASP A 39 -4.05 8.90 -7.02
C ASP A 39 -2.77 9.71 -6.76
N HIS A 40 -1.64 9.02 -6.57
CA HIS A 40 -0.35 9.65 -6.29
C HIS A 40 0.49 9.90 -7.55
N TYR A 41 0.49 8.97 -8.50
CA TYR A 41 1.25 9.15 -9.77
C TYR A 41 0.50 9.89 -10.87
N ALA A 42 -0.79 10.16 -10.66
CA ALA A 42 -1.67 10.76 -11.66
C ALA A 42 -0.99 11.88 -12.45
N GLY A 43 -0.89 11.73 -13.77
CA GLY A 43 -0.24 12.69 -14.65
C GLY A 43 1.08 12.26 -15.29
N LEU A 44 1.82 11.34 -14.66
CA LEU A 44 3.07 10.81 -15.24
C LEU A 44 2.88 9.97 -16.53
N SER A 45 3.78 10.18 -17.49
CA SER A 45 3.76 9.49 -18.80
C SER A 45 5.14 9.54 -19.50
N LYS A 46 5.22 8.99 -20.71
CA LYS A 46 6.46 9.06 -21.53
C LYS A 46 6.88 10.47 -21.93
N HIS A 47 5.99 11.44 -21.77
CA HIS A 47 6.26 12.83 -22.12
C HIS A 47 6.78 13.69 -20.96
N PHE A 48 6.90 13.11 -19.76
CA PHE A 48 7.40 13.85 -18.58
C PHE A 48 8.91 14.06 -18.74
N THR A 49 9.36 15.30 -18.52
CA THR A 49 10.77 15.67 -18.72
C THR A 49 11.43 16.43 -17.55
N PHE A 50 10.98 16.16 -16.33
CA PHE A 50 11.66 16.66 -15.11
C PHE A 50 12.16 15.46 -14.28
N PRO A 51 13.17 15.69 -13.40
CA PRO A 51 13.70 14.60 -12.58
C PRO A 51 12.66 14.04 -11.60
N VAL A 52 12.53 12.71 -11.57
CA VAL A 52 11.64 12.02 -10.61
C VAL A 52 12.49 11.19 -9.65
N TYR A 53 12.30 11.40 -8.35
CA TYR A 53 13.03 10.67 -7.30
C TYR A 53 12.09 9.70 -6.60
N CYS A 54 12.54 8.46 -6.40
CA CYS A 54 11.66 7.37 -5.93
C CYS A 54 12.50 6.16 -5.55
N SER A 55 11.85 5.10 -5.05
CA SER A 55 12.54 3.82 -4.80
C SER A 55 12.87 3.09 -6.13
N GLU A 56 13.74 2.09 -6.04
CA GLU A 56 14.07 1.22 -7.20
C GLU A 56 12.81 0.55 -7.77
N ILE A 57 11.98 -0.04 -6.90
CA ILE A 57 10.74 -0.71 -7.35
C ILE A 57 9.78 0.27 -8.04
N THR A 58 9.56 1.44 -7.43
CA THR A 58 8.74 2.47 -8.07
C THR A 58 9.31 2.85 -9.46
N GLY A 59 10.64 3.01 -9.52
CA GLY A 59 11.30 3.31 -10.81
C GLY A 59 11.10 2.23 -11.87
N ASN A 60 11.14 0.96 -11.47
CA ASN A 60 10.86 -0.16 -12.39
C ASN A 60 9.46 -0.03 -13.00
N LEU A 61 8.48 0.32 -12.15
CA LEU A 61 7.08 0.49 -12.61
C LEU A 61 6.90 1.70 -13.53
N LEU A 62 7.54 2.82 -13.18
CA LEU A 62 7.52 4.02 -14.05
C LEU A 62 8.06 3.71 -15.45
N LYS A 63 9.19 3.01 -15.51
CA LYS A 63 9.83 2.65 -16.78
C LYS A 63 8.98 1.71 -17.63
N ASN A 64 8.49 0.64 -17.02
CA ASN A 64 7.82 -0.43 -17.78
C ASN A 64 6.30 -0.26 -17.96
N LYS A 65 5.61 0.28 -16.95
CA LYS A 65 4.14 0.44 -17.03
C LYS A 65 3.70 1.79 -17.61
N LEU A 66 4.35 2.89 -17.19
CA LEU A 66 4.04 4.24 -17.70
C LEU A 66 4.97 4.75 -18.82
N HIS A 67 6.05 4.02 -19.10
N HIS A 67 6.04 4.02 -19.11
CA HIS A 67 7.04 4.34 -20.14
CA HIS A 67 6.94 4.35 -20.21
C HIS A 67 7.74 5.67 -19.98
C HIS A 67 7.72 5.67 -20.00
N VAL A 68 8.01 6.04 -18.74
CA VAL A 68 8.79 7.24 -18.43
C VAL A 68 10.21 6.96 -18.91
N GLN A 69 10.82 7.94 -19.57
CA GLN A 69 12.18 7.77 -20.10
C GLN A 69 13.20 7.60 -18.97
N GLU A 70 14.12 6.66 -19.19
CA GLU A 70 15.17 6.27 -18.22
C GLU A 70 16.00 7.45 -17.70
N GLN A 71 16.27 8.44 -18.56
CA GLN A 71 17.07 9.61 -18.20
C GLN A 71 16.46 10.50 -17.10
N TYR A 72 15.15 10.41 -16.88
CA TYR A 72 14.46 11.18 -15.83
C TYR A 72 14.15 10.40 -14.54
N ILE A 73 14.42 9.10 -14.52
CA ILE A 73 14.13 8.28 -13.34
C ILE A 73 15.38 8.21 -12.44
N HIS A 74 15.25 8.70 -11.20
CA HIS A 74 16.35 8.71 -10.23
C HIS A 74 16.01 7.81 -9.03
N PRO A 75 16.30 6.50 -9.14
CA PRO A 75 16.07 5.63 -7.98
C PRO A 75 17.08 5.91 -6.86
N LEU A 76 16.61 5.88 -5.62
CA LEU A 76 17.50 6.00 -4.45
C LEU A 76 17.39 4.77 -3.57
N PRO A 77 18.53 4.31 -2.98
CA PRO A 77 18.49 3.22 -2.02
C PRO A 77 17.82 3.64 -0.73
N LEU A 78 17.28 2.68 0.01
CA LEU A 78 16.67 2.95 1.31
C LEU A 78 17.75 3.10 2.38
N ASP A 79 17.39 3.78 3.46
CA ASP A 79 18.20 3.85 4.70
C ASP A 79 19.58 4.45 4.47
N THR A 80 19.67 5.39 3.52
CA THR A 80 20.96 5.93 3.04
C THR A 80 20.86 7.44 2.83
N GLU A 81 21.74 8.19 3.49
CA GLU A 81 21.81 9.65 3.31
C GLU A 81 22.24 9.99 1.87
N CYS A 82 21.39 10.73 1.16
CA CYS A 82 21.64 11.15 -0.23
C CYS A 82 21.49 12.67 -0.36
N ILE A 83 22.30 13.30 -1.19
CA ILE A 83 22.15 14.74 -1.47
C ILE A 83 21.45 14.91 -2.82
N VAL A 84 20.31 15.60 -2.80
CA VAL A 84 19.54 15.91 -4.02
C VAL A 84 19.40 17.42 -4.14
N ASN A 85 19.88 17.99 -5.24
CA ASN A 85 19.82 19.45 -5.48
C ASN A 85 20.21 20.25 -4.23
N GLY A 86 21.31 19.82 -3.59
CA GLY A 86 21.87 20.52 -2.44
C GLY A 86 21.23 20.27 -1.08
N VAL A 87 20.32 19.28 -0.98
CA VAL A 87 19.56 19.00 0.25
C VAL A 87 19.70 17.51 0.61
N LYS A 88 20.03 17.23 1.88
CA LYS A 88 20.12 15.85 2.37
C LYS A 88 18.73 15.24 2.54
N VAL A 89 18.53 14.06 1.97
CA VAL A 89 17.28 13.30 2.08
C VAL A 89 17.57 11.82 2.43
N VAL A 90 16.59 11.15 3.04
CA VAL A 90 16.64 9.71 3.30
C VAL A 90 15.26 9.11 2.92
N LEU A 91 15.27 7.97 2.23
CA LEU A 91 14.04 7.17 2.02
C LEU A 91 13.96 6.02 3.04
N LEU A 92 12.78 5.84 3.62
CA LEU A 92 12.52 4.78 4.62
C LEU A 92 11.36 3.89 4.16
N ASP A 93 11.40 2.60 4.47
CA ASP A 93 10.27 1.72 4.13
C ASP A 93 8.97 2.18 4.82
N ALA A 94 7.88 2.32 4.07
CA ALA A 94 6.60 2.80 4.60
C ALA A 94 5.67 1.68 5.09
N ASN A 95 6.05 0.41 4.91
CA ASN A 95 5.15 -0.71 5.25
C ASN A 95 3.74 -0.49 4.63
N HIS A 96 3.71 -0.14 3.34
CA HIS A 96 2.47 0.04 2.56
C HIS A 96 2.47 -1.02 1.44
N CYS A 97 2.57 -0.64 0.18
CA CYS A 97 2.67 -1.57 -0.95
C CYS A 97 4.15 -1.70 -1.36
N PRO A 98 4.46 -2.64 -2.27
CA PRO A 98 5.87 -2.76 -2.69
C PRO A 98 6.45 -1.45 -3.27
N GLY A 99 7.65 -1.08 -2.84
CA GLY A 99 8.32 0.15 -3.30
C GLY A 99 7.91 1.44 -2.59
N ALA A 100 6.93 1.36 -1.67
CA ALA A 100 6.45 2.56 -0.97
C ALA A 100 7.43 3.04 0.08
N VAL A 101 7.65 4.37 0.08
CA VAL A 101 8.58 5.02 1.02
C VAL A 101 7.99 6.20 1.77
N MET A 102 8.57 6.46 2.95
CA MET A 102 8.53 7.75 3.63
C MET A 102 9.81 8.53 3.28
N ILE A 103 9.77 9.86 3.36
CA ILE A 103 10.90 10.71 2.98
C ILE A 103 11.25 11.68 4.13
N LEU A 104 12.50 11.62 4.58
CA LEU A 104 13.07 12.56 5.56
C LEU A 104 13.82 13.65 4.80
N PHE A 105 13.46 14.92 5.03
CA PHE A 105 14.12 16.08 4.41
C PHE A 105 14.85 16.89 5.49
N TYR A 106 16.14 17.13 5.29
CA TYR A 106 16.97 17.91 6.21
C TYR A 106 17.14 19.31 5.58
N LEU A 107 16.30 20.26 5.96
CA LEU A 107 16.25 21.56 5.29
C LEU A 107 17.51 22.38 5.56
N PRO A 108 17.91 23.24 4.61
CA PRO A 108 19.09 24.08 4.83
C PRO A 108 19.07 24.90 6.14
N ASN A 109 17.88 25.33 6.57
CA ASN A 109 17.74 26.12 7.82
C ASN A 109 17.80 25.33 9.15
N GLY A 110 17.97 24.01 9.11
CA GLY A 110 18.07 23.16 10.33
C GLY A 110 16.77 22.43 10.72
N THR A 111 15.67 22.77 10.05
CA THR A 111 14.40 22.10 10.22
C THR A 111 14.47 20.68 9.60
N VAL A 112 13.75 19.73 10.18
CA VAL A 112 13.67 18.35 9.69
C VAL A 112 12.19 18.02 9.49
N ILE A 113 11.86 17.54 8.28
CA ILE A 113 10.51 17.17 7.89
C ILE A 113 10.45 15.68 7.57
N LEU A 114 9.44 14.99 8.13
CA LEU A 114 9.11 13.62 7.69
C LEU A 114 7.78 13.65 6.91
N HIS A 115 7.81 13.14 5.69
CA HIS A 115 6.61 12.89 4.88
C HIS A 115 6.35 11.37 4.85
N THR A 116 5.25 10.91 5.45
CA THR A 116 5.01 9.47 5.55
C THR A 116 4.55 8.81 4.23
N GLY A 117 4.20 9.59 3.20
CA GLY A 117 3.46 9.05 2.07
C GLY A 117 2.23 8.33 2.61
N ASP A 118 1.87 7.21 2.00
CA ASP A 118 0.93 6.26 2.62
C ASP A 118 1.75 5.27 3.46
N PHE A 119 1.30 4.96 4.67
CA PHE A 119 2.05 4.03 5.56
C PHE A 119 1.14 3.24 6.50
N ARG A 120 1.65 2.09 6.96
CA ARG A 120 1.07 1.39 8.10
C ARG A 120 2.11 1.41 9.23
N ALA A 121 1.89 2.33 10.17
CA ALA A 121 2.79 2.53 11.30
C ALA A 121 3.06 1.22 12.03
N ASP A 122 4.32 1.02 12.42
CA ASP A 122 4.72 -0.20 13.15
C ASP A 122 5.79 0.14 14.18
N PRO A 123 5.81 -0.55 15.34
CA PRO A 123 6.89 -0.30 16.32
C PRO A 123 8.32 -0.44 15.78
N SER A 124 8.54 -1.27 14.76
CA SER A 124 9.87 -1.39 14.14
C SER A 124 10.41 -0.07 13.57
N MET A 125 9.52 0.86 13.19
CA MET A 125 9.94 2.20 12.73
C MET A 125 10.62 3.05 13.83
N GLU A 126 10.39 2.67 15.09
CA GLU A 126 11.03 3.33 16.23
C GLU A 126 12.54 3.00 16.33
N ARG A 127 13.01 2.01 15.54
CA ARG A 127 14.44 1.65 15.42
C ARG A 127 15.00 1.81 13.99
N SER A 128 14.37 2.69 13.22
CA SER A 128 14.91 3.11 11.94
C SER A 128 15.87 4.30 12.17
N LEU A 129 16.33 4.94 11.08
CA LEU A 129 17.06 6.22 11.14
C LEU A 129 16.25 7.37 11.81
N LEU A 130 14.94 7.19 12.02
CA LEU A 130 14.14 8.14 12.82
C LEU A 130 14.54 8.26 14.31
N ALA A 131 15.19 7.24 14.86
CA ALA A 131 15.57 7.24 16.28
C ALA A 131 16.52 8.42 16.63
N ASP A 132 17.42 8.72 15.69
CA ASP A 132 18.49 9.72 15.85
C ASP A 132 18.11 11.14 16.24
N GLN A 133 17.09 11.72 15.61
CA GLN A 133 16.93 13.16 15.73
C GLN A 133 15.48 13.67 15.73
N LYS A 134 15.39 14.95 16.01
CA LYS A 134 14.14 15.67 16.14
C LYS A 134 13.51 15.86 14.77
N VAL A 135 12.19 15.73 14.72
CA VAL A 135 11.38 16.02 13.53
C VAL A 135 10.49 17.21 13.87
N HIS A 136 10.60 18.28 13.11
CA HIS A 136 9.82 19.50 13.38
C HIS A 136 8.42 19.45 12.78
N MET A 137 8.33 18.94 11.55
CA MET A 137 7.05 18.88 10.83
C MET A 137 6.80 17.47 10.30
N LEU A 138 5.58 16.97 10.52
CA LEU A 138 5.14 15.63 10.07
C LEU A 138 3.96 15.76 9.09
N TYR A 139 4.16 15.29 7.86
CA TYR A 139 3.10 15.24 6.85
C TYR A 139 2.55 13.81 6.92
N LEU A 140 1.36 13.66 7.49
CA LEU A 140 0.85 12.37 8.02
C LEU A 140 -0.29 11.76 7.21
N ASP A 141 -0.14 10.49 6.85
CA ASP A 141 -1.25 9.67 6.28
C ASP A 141 -2.28 9.42 7.37
N THR A 142 -3.39 10.19 7.30
CA THR A 142 -4.47 10.19 8.26
C THR A 142 -5.72 9.42 7.77
N THR A 143 -5.52 8.44 6.86
CA THR A 143 -6.64 7.70 6.24
C THR A 143 -7.65 7.23 7.31
N TYR A 144 -7.15 6.60 8.37
CA TYR A 144 -8.00 6.02 9.43
C TYR A 144 -7.82 6.72 10.81
N CYS A 145 -7.78 8.04 10.79
CA CYS A 145 -7.58 8.83 12.03
C CYS A 145 -8.91 9.07 12.77
N SER A 146 -9.48 7.98 13.30
CA SER A 146 -10.66 8.02 14.18
C SER A 146 -10.76 6.68 14.93
N PRO A 147 -11.13 6.69 16.22
CA PRO A 147 -11.06 5.46 17.03
C PRO A 147 -11.91 4.29 16.58
N GLU A 148 -12.96 4.54 15.77
CA GLU A 148 -13.76 3.45 15.22
C GLU A 148 -13.01 2.57 14.22
N TYR A 149 -11.91 3.07 13.67
CA TYR A 149 -11.16 2.30 12.69
C TYR A 149 -10.21 1.32 13.39
N THR A 150 -10.76 0.12 13.58
CA THR A 150 -10.05 -1.03 14.10
C THR A 150 -10.05 -2.15 13.02
N PHE A 151 -8.99 -2.92 13.00
CA PHE A 151 -8.87 -4.11 12.15
C PHE A 151 -7.71 -4.98 12.67
N PRO A 152 -7.65 -6.26 12.26
CA PRO A 152 -6.58 -7.13 12.79
C PRO A 152 -5.21 -6.88 12.17
N SER A 153 -4.21 -7.58 12.69
CA SER A 153 -2.89 -7.59 12.07
C SER A 153 -2.95 -8.29 10.70
N GLN A 154 -2.03 -7.93 9.82
CA GLN A 154 -1.90 -8.61 8.53
C GLN A 154 -1.64 -10.12 8.73
N GLN A 155 -0.81 -10.47 9.72
CA GLN A 155 -0.52 -11.88 10.00
C GLN A 155 -1.78 -12.68 10.34
N GLU A 156 -2.65 -12.11 11.19
CA GLU A 156 -3.91 -12.77 11.57
C GLU A 156 -4.85 -12.97 10.35
N VAL A 157 -4.90 -11.99 9.47
CA VAL A 157 -5.78 -12.06 8.28
C VAL A 157 -5.28 -13.12 7.31
N ILE A 158 -3.96 -13.20 7.13
CA ILE A 158 -3.36 -14.22 6.25
C ILE A 158 -3.54 -15.62 6.83
N ARG A 159 -3.40 -15.77 8.15
CA ARG A 159 -3.68 -17.06 8.80
C ARG A 159 -5.11 -17.53 8.48
N PHE A 160 -6.08 -16.62 8.58
CA PHE A 160 -7.48 -16.93 8.26
C PHE A 160 -7.65 -17.36 6.80
N ALA A 161 -7.03 -16.61 5.88
CA ALA A 161 -7.16 -16.92 4.46
C ALA A 161 -6.55 -18.28 4.08
N ILE A 162 -5.32 -18.54 4.57
CA ILE A 162 -4.62 -19.82 4.32
C ILE A 162 -5.47 -21.01 4.83
N ASN A 163 -5.94 -20.88 6.07
CA ASN A 163 -6.67 -22.01 6.71
C ASN A 163 -8.01 -22.26 6.00
N THR A 164 -8.71 -21.17 5.66
CA THR A 164 -9.98 -21.23 4.90
C THR A 164 -9.79 -21.91 3.52
N ALA A 165 -8.78 -21.47 2.77
CA ALA A 165 -8.51 -22.02 1.44
C ALA A 165 -8.07 -23.49 1.49
N PHE A 166 -7.16 -23.80 2.40
CA PHE A 166 -6.68 -25.17 2.50
C PHE A 166 -7.80 -26.14 2.92
N GLU A 167 -8.63 -25.73 3.87
CA GLU A 167 -9.78 -26.58 4.26
C GLU A 167 -10.70 -26.86 3.07
N ALA A 168 -11.07 -25.80 2.35
CA ALA A 168 -12.02 -25.91 1.24
C ALA A 168 -11.54 -26.84 0.11
N VAL A 169 -10.28 -26.71 -0.28
CA VAL A 169 -9.70 -27.47 -1.41
C VAL A 169 -9.37 -28.91 -0.99
N THR A 170 -9.05 -29.13 0.29
CA THR A 170 -8.84 -30.49 0.81
C THR A 170 -10.18 -31.26 0.87
N LEU A 171 -11.26 -30.58 1.28
CA LEU A 171 -12.61 -31.18 1.21
C LEU A 171 -13.07 -31.44 -0.25
N ASN A 172 -12.82 -30.47 -1.14
CA ASN A 172 -13.18 -30.56 -2.56
C ASN A 172 -11.99 -30.22 -3.47
N PRO A 173 -11.23 -31.25 -3.91
CA PRO A 173 -10.10 -31.01 -4.82
C PRO A 173 -10.43 -30.34 -6.16
N HIS A 174 -11.71 -30.35 -6.53
CA HIS A 174 -12.20 -29.63 -7.73
C HIS A 174 -12.67 -28.18 -7.49
N ALA A 175 -12.37 -27.59 -6.33
CA ALA A 175 -12.67 -26.18 -6.08
C ALA A 175 -11.56 -25.27 -6.65
N LEU A 176 -11.97 -24.12 -7.19
CA LEU A 176 -11.05 -23.06 -7.64
C LEU A 176 -11.04 -21.94 -6.61
N VAL A 177 -9.85 -21.39 -6.33
CA VAL A 177 -9.73 -20.19 -5.51
C VAL A 177 -9.49 -18.97 -6.40
N VAL A 178 -10.23 -17.89 -6.14
CA VAL A 178 -10.10 -16.61 -6.88
C VAL A 178 -9.83 -15.46 -5.90
N CYS A 179 -8.88 -14.59 -6.25
N CYS A 179 -8.86 -14.60 -6.23
CA CYS A 179 -8.56 -13.38 -5.47
CA CYS A 179 -8.58 -13.39 -5.46
C CYS A 179 -8.66 -12.11 -6.30
C CYS A 179 -8.84 -12.18 -6.36
N GLY A 180 -9.33 -11.10 -5.76
CA GLY A 180 -9.50 -9.80 -6.45
C GLY A 180 -8.32 -8.86 -6.25
N THR A 181 -8.01 -8.05 -7.29
CA THR A 181 -6.96 -7.01 -7.24
C THR A 181 -7.35 -5.78 -8.12
N TYR A 182 -6.93 -4.58 -7.73
CA TYR A 182 -7.07 -3.38 -8.61
C TYR A 182 -5.87 -2.41 -8.62
N SER A 183 -4.76 -2.84 -8.02
CA SER A 183 -3.56 -2.05 -7.85
C SER A 183 -2.49 -2.96 -7.27
N ILE A 184 -1.26 -2.46 -7.17
CA ILE A 184 -0.25 -3.17 -6.38
C ILE A 184 -0.58 -3.02 -4.89
N GLY A 185 0.05 -3.88 -4.10
CA GLY A 185 -0.25 -4.04 -2.69
C GLY A 185 -1.06 -5.30 -2.42
N LYS A 186 -0.93 -5.82 -1.20
CA LYS A 186 -1.72 -6.94 -0.70
C LYS A 186 -1.39 -8.28 -1.43
N GLU A 187 -0.19 -8.35 -2.02
CA GLU A 187 0.24 -9.54 -2.77
C GLU A 187 0.29 -10.77 -1.86
N LYS A 188 0.57 -10.58 -0.56
CA LYS A 188 0.60 -11.71 0.37
C LYS A 188 -0.67 -12.56 0.38
N VAL A 189 -1.82 -11.93 0.16
CA VAL A 189 -3.08 -12.69 0.17
C VAL A 189 -3.03 -13.85 -0.83
N PHE A 190 -2.77 -13.53 -2.10
CA PHE A 190 -2.77 -14.58 -3.13
C PHE A 190 -1.51 -15.45 -3.13
N LEU A 191 -0.35 -14.87 -2.79
CA LEU A 191 0.88 -15.66 -2.72
C LEU A 191 0.86 -16.71 -1.60
N ALA A 192 0.36 -16.34 -0.42
CA ALA A 192 0.28 -17.27 0.71
C ALA A 192 -0.71 -18.42 0.46
N ILE A 193 -1.85 -18.10 -0.16
CA ILE A 193 -2.83 -19.15 -0.50
C ILE A 193 -2.23 -20.13 -1.54
N ALA A 194 -1.61 -19.60 -2.60
CA ALA A 194 -1.03 -20.47 -3.62
C ALA A 194 0.06 -21.40 -3.06
N ASP A 195 0.87 -20.84 -2.15
CA ASP A 195 1.98 -21.58 -1.53
C ASP A 195 1.47 -22.79 -0.73
N VAL A 196 0.39 -22.61 0.04
CA VAL A 196 -0.15 -23.72 0.84
C VAL A 196 -0.80 -24.80 -0.04
N LEU A 197 -1.37 -24.37 -1.16
CA LEU A 197 -2.02 -25.29 -2.11
C LEU A 197 -1.06 -25.94 -3.13
N GLY A 198 0.21 -25.52 -3.15
CA GLY A 198 1.16 -26.10 -4.11
C GLY A 198 0.89 -25.73 -5.55
N SER A 199 0.42 -24.50 -5.75
CA SER A 199 0.01 -23.98 -7.04
C SER A 199 0.73 -22.67 -7.32
N LYS A 200 0.86 -22.33 -8.60
CA LYS A 200 1.20 -20.97 -9.02
C LYS A 200 -0.09 -20.16 -9.13
N VAL A 201 0.04 -18.84 -9.15
CA VAL A 201 -1.08 -17.91 -9.28
C VAL A 201 -1.20 -17.52 -10.75
N GLY A 202 -2.35 -17.82 -11.35
CA GLY A 202 -2.63 -17.48 -12.76
C GLY A 202 -3.26 -16.10 -12.88
N MET A 203 -2.87 -15.35 -13.91
CA MET A 203 -3.29 -13.96 -14.06
C MET A 203 -3.13 -13.49 -15.50
N SER A 204 -3.69 -12.33 -15.82
CA SER A 204 -3.54 -11.70 -17.14
C SER A 204 -2.08 -11.32 -17.43
N GLN A 205 -1.77 -11.11 -18.70
CA GLN A 205 -0.45 -10.63 -19.10
C GLN A 205 -0.13 -9.27 -18.46
N GLU A 206 -1.14 -8.41 -18.36
CA GLU A 206 -0.96 -7.07 -17.77
C GLU A 206 -0.58 -7.11 -16.29
N LYS A 207 -1.27 -7.96 -15.51
CA LYS A 207 -0.95 -8.13 -14.09
C LYS A 207 0.40 -8.84 -13.88
N TYR A 208 0.70 -9.85 -14.70
CA TYR A 208 2.01 -10.52 -14.69
C TYR A 208 3.16 -9.52 -14.85
N LYS A 209 3.02 -8.63 -15.84
CA LYS A 209 4.02 -7.58 -16.10
C LYS A 209 4.26 -6.73 -14.86
N THR A 210 3.17 -6.29 -14.23
CA THR A 210 3.25 -5.46 -13.04
C THR A 210 4.04 -6.19 -11.93
N LEU A 211 3.68 -7.46 -11.66
CA LEU A 211 4.38 -8.21 -10.62
C LEU A 211 5.85 -8.48 -10.93
N GLN A 212 6.18 -8.67 -12.21
CA GLN A 212 7.59 -8.79 -12.64
C GLN A 212 8.47 -7.55 -12.35
N CYS A 213 7.91 -6.42 -11.93
N CYS A 213 7.84 -6.38 -12.51
CA CYS A 213 8.71 -5.25 -11.44
CA CYS A 213 8.47 -5.07 -12.33
C CYS A 213 9.02 -5.11 -9.92
C CYS A 213 8.98 -4.94 -10.90
N LEU A 214 8.52 -6.03 -9.09
N LEU A 214 8.32 -5.63 -9.96
CA LEU A 214 8.49 -5.80 -7.64
CA LEU A 214 8.77 -5.70 -8.56
C LEU A 214 9.64 -6.40 -6.80
C LEU A 214 10.13 -6.41 -8.45
N ASN A 215 10.67 -6.94 -7.46
N ASN A 215 10.41 -7.31 -9.39
CA ASN A 215 11.83 -7.56 -6.77
CA ASN A 215 11.74 -7.87 -9.60
C ASN A 215 11.42 -8.54 -5.67
C ASN A 215 12.23 -8.73 -8.41
N ILE A 216 10.42 -9.37 -5.95
N ILE A 216 11.35 -9.56 -7.87
CA ILE A 216 10.01 -10.42 -5.03
CA ILE A 216 11.70 -10.36 -6.69
C ILE A 216 10.95 -11.61 -5.28
C ILE A 216 11.45 -11.88 -6.98
N PRO A 217 11.65 -12.10 -4.23
N PRO A 217 12.52 -12.71 -6.88
CA PRO A 217 12.55 -13.24 -4.46
CA PRO A 217 12.42 -14.13 -7.32
C PRO A 217 11.82 -14.49 -5.00
C PRO A 217 11.27 -14.96 -6.73
N GLU A 218 12.48 -15.15 -5.96
N GLU A 218 10.95 -14.71 -5.46
CA GLU A 218 11.98 -16.39 -6.59
CA GLU A 218 9.91 -15.49 -4.76
C GLU A 218 10.60 -16.25 -7.27
C GLU A 218 8.53 -15.27 -5.38
N ILE A 219 10.30 -15.06 -7.77
N ILE A 219 8.23 -14.03 -5.77
CA ILE A 219 8.97 -14.76 -8.36
CA ILE A 219 6.98 -13.69 -6.46
C ILE A 219 8.58 -15.69 -9.52
C ILE A 219 6.99 -14.33 -7.85
N ASN A 220 9.53 -16.06 -10.39
N ASN A 220 8.08 -14.15 -8.59
CA ASN A 220 9.24 -16.96 -11.53
CA ASN A 220 8.23 -14.72 -9.95
C ASN A 220 8.68 -18.32 -11.09
C ASN A 220 8.00 -16.23 -10.02
N SER A 221 9.06 -18.78 -9.90
N SER A 221 8.48 -16.95 -9.02
CA SER A 221 8.52 -20.00 -9.31
CA SER A 221 8.29 -18.40 -8.94
C SER A 221 7.12 -19.85 -8.68
C SER A 221 6.84 -18.87 -8.73
N LEU A 222 6.58 -18.63 -8.62
N LEU A 222 5.99 -17.97 -8.21
CA LEU A 222 5.33 -18.35 -7.90
CA LEU A 222 4.59 -18.28 -7.90
C LEU A 222 4.10 -17.94 -8.74
C LEU A 222 3.58 -17.69 -8.88
N ILE A 223 4.29 -17.45 -9.97
N ILE A 223 4.03 -17.03 -9.95
CA ILE A 223 3.19 -16.85 -10.78
CA ILE A 223 3.10 -16.41 -10.91
C ILE A 223 3.23 -17.28 -12.26
C ILE A 223 3.26 -17.01 -12.31
N THR A 224 2.15 -17.07 -13.01
CA THR A 224 2.06 -17.56 -14.41
C THR A 224 0.93 -16.91 -15.20
N THR A 225 1.06 -16.90 -16.51
CA THR A 225 -0.04 -16.49 -17.41
C THR A 225 -0.86 -17.68 -17.91
N ASP A 226 -0.43 -18.90 -17.59
CA ASP A 226 -1.15 -20.11 -18.00
C ASP A 226 -2.21 -20.44 -16.95
N MET A 227 -3.43 -19.95 -17.19
CA MET A 227 -4.57 -20.11 -16.28
C MET A 227 -4.92 -21.58 -16.01
N CYS A 228 -4.86 -22.40 -17.06
CA CYS A 228 -5.22 -23.82 -16.96
C CYS A 228 -4.34 -24.62 -16.01
N SER A 229 -3.07 -24.23 -15.88
CA SER A 229 -2.12 -24.89 -14.96
C SER A 229 -2.28 -24.50 -13.48
N SER A 230 -3.13 -23.52 -13.18
CA SER A 230 -3.22 -22.91 -11.84
C SER A 230 -4.58 -23.12 -11.19
N LEU A 231 -4.62 -23.35 -9.88
CA LEU A 231 -5.88 -23.41 -9.12
C LEU A 231 -6.09 -22.21 -8.17
N VAL A 232 -5.26 -21.19 -8.31
CA VAL A 232 -5.50 -19.87 -7.71
C VAL A 232 -5.43 -18.85 -8.85
N HIS A 233 -6.55 -18.20 -9.13
CA HIS A 233 -6.63 -17.18 -10.21
C HIS A 233 -6.82 -15.77 -9.64
N LEU A 234 -6.13 -14.79 -10.24
CA LEU A 234 -6.36 -13.37 -9.96
C LEU A 234 -7.24 -12.73 -11.01
N LEU A 235 -8.24 -11.98 -10.55
CA LEU A 235 -9.13 -11.23 -11.44
C LEU A 235 -9.23 -9.79 -10.95
N PRO A 236 -9.65 -8.87 -11.84
CA PRO A 236 -9.98 -7.52 -11.41
C PRO A 236 -11.02 -7.51 -10.29
N MET A 237 -10.85 -6.62 -9.31
CA MET A 237 -11.74 -6.54 -8.15
C MET A 237 -13.21 -6.40 -8.55
N MET A 238 -13.47 -5.71 -9.65
CA MET A 238 -14.83 -5.51 -10.19
C MET A 238 -15.55 -6.80 -10.59
N GLN A 239 -14.80 -7.85 -10.90
CA GLN A 239 -15.37 -9.15 -11.26
C GLN A 239 -15.70 -10.04 -10.05
N ILE A 240 -15.30 -9.65 -8.84
CA ILE A 240 -15.52 -10.50 -7.65
C ILE A 240 -16.95 -10.29 -7.13
N ASN A 241 -17.88 -10.90 -7.84
CA ASN A 241 -19.33 -10.89 -7.52
C ASN A 241 -19.95 -12.13 -8.16
N PHE A 242 -21.18 -12.48 -7.78
CA PHE A 242 -21.74 -13.76 -8.22
C PHE A 242 -21.83 -13.88 -9.75
N LYS A 243 -22.25 -12.81 -10.42
CA LYS A 243 -22.30 -12.78 -11.89
C LYS A 243 -20.92 -12.95 -12.53
N GLY A 244 -19.95 -12.16 -12.06
CA GLY A 244 -18.59 -12.22 -12.61
C GLY A 244 -17.91 -13.56 -12.39
N LEU A 245 -18.13 -14.16 -11.23
CA LEU A 245 -17.52 -15.45 -10.90
C LEU A 245 -18.20 -16.63 -11.62
N GLN A 246 -19.53 -16.59 -11.73
CA GLN A 246 -20.29 -17.51 -12.59
C GLN A 246 -19.75 -17.55 -14.00
N SER A 247 -19.57 -16.35 -14.58
CA SER A 247 -19.03 -16.18 -15.92
C SER A 247 -17.62 -16.78 -16.04
N HIS A 248 -16.77 -16.53 -15.04
CA HIS A 248 -15.42 -17.07 -15.04
C HIS A 248 -15.37 -18.60 -14.97
N LEU A 249 -16.20 -19.20 -14.12
CA LEU A 249 -16.28 -20.67 -13.97
C LEU A 249 -16.65 -21.38 -15.29
N LYS A 250 -17.51 -20.74 -16.10
CA LYS A 250 -17.86 -21.27 -17.43
C LYS A 250 -16.64 -21.41 -18.35
N LYS A 251 -15.73 -20.45 -18.29
CA LYS A 251 -14.53 -20.44 -19.13
C LYS A 251 -13.49 -21.52 -18.80
N CYS A 252 -13.59 -22.15 -17.63
CA CYS A 252 -12.57 -23.12 -17.18
C CYS A 252 -12.75 -24.56 -17.69
N GLY A 253 -13.72 -24.78 -18.60
CA GLY A 253 -13.81 -26.03 -19.35
C GLY A 253 -14.13 -27.27 -18.54
N GLY A 254 -15.04 -27.13 -17.58
CA GLY A 254 -15.46 -28.24 -16.71
C GLY A 254 -14.40 -28.79 -15.76
N LYS A 255 -13.36 -28.00 -15.49
CA LYS A 255 -12.27 -28.42 -14.61
C LYS A 255 -12.64 -28.27 -13.13
N TYR A 256 -13.53 -27.30 -12.84
CA TYR A 256 -13.92 -26.97 -11.48
C TYR A 256 -15.43 -26.96 -11.30
N ASN A 257 -15.87 -27.23 -10.07
CA ASN A 257 -17.31 -27.26 -9.73
C ASN A 257 -17.68 -26.42 -8.49
N GLN A 258 -16.75 -25.56 -8.06
CA GLN A 258 -16.93 -24.69 -6.88
C GLN A 258 -15.91 -23.54 -7.00
N ILE A 259 -16.31 -22.33 -6.56
CA ILE A 259 -15.36 -21.19 -6.40
C ILE A 259 -15.42 -20.68 -4.96
N LEU A 260 -14.23 -20.53 -4.37
CA LEU A 260 -14.03 -19.80 -3.13
C LEU A 260 -13.28 -18.51 -3.53
N ALA A 261 -13.86 -17.35 -3.22
CA ALA A 261 -13.25 -16.06 -3.61
C ALA A 261 -12.96 -15.15 -2.41
N PHE A 262 -11.89 -14.36 -2.54
CA PHE A 262 -11.49 -13.38 -1.53
C PHE A 262 -11.46 -11.98 -2.12
N ARG A 263 -12.09 -11.03 -1.42
CA ARG A 263 -12.08 -9.60 -1.74
C ARG A 263 -11.34 -8.90 -0.61
N PRO A 264 -10.04 -8.62 -0.80
CA PRO A 264 -9.38 -7.82 0.19
C PRO A 264 -9.95 -6.41 0.07
N THR A 265 -10.42 -5.91 1.21
CA THR A 265 -10.86 -4.54 1.35
C THR A 265 -9.92 -3.86 2.34
N GLY A 266 -10.16 -2.58 2.58
CA GLY A 266 -9.66 -1.94 3.78
C GLY A 266 -10.65 -2.19 4.92
N TRP A 267 -10.76 -1.21 5.80
CA TRP A 267 -11.78 -1.23 6.83
C TRP A 267 -13.18 -1.25 6.22
N THR A 268 -14.08 -2.01 6.84
CA THR A 268 -15.52 -1.89 6.62
C THR A 268 -16.22 -1.88 7.99
N HIS A 269 -17.39 -1.27 8.07
CA HIS A 269 -18.22 -1.23 9.30
C HIS A 269 -18.52 -2.59 9.96
N SER A 270 -18.49 -3.70 9.21
CA SER A 270 -18.58 -5.03 9.86
C SER A 270 -17.45 -5.34 10.87
N ASN A 271 -16.32 -4.61 10.80
CA ASN A 271 -15.26 -4.67 11.85
C ASN A 271 -15.72 -4.21 13.24
N LYS A 272 -16.71 -3.32 13.29
CA LYS A 272 -17.30 -2.87 14.55
C LYS A 272 -17.98 -3.99 15.34
N PHE A 273 -18.51 -4.99 14.62
CA PHE A 273 -19.24 -6.10 15.23
C PHE A 273 -18.45 -7.42 15.27
N THR A 274 -17.92 -7.83 14.12
CA THR A 274 -17.37 -9.19 13.94
C THR A 274 -15.85 -9.25 14.13
N ARG A 275 -15.39 -10.36 14.74
CA ARG A 275 -13.96 -10.70 14.85
C ARG A 275 -13.51 -11.51 13.64
N ILE A 276 -12.23 -11.40 13.28
CA ILE A 276 -11.68 -12.11 12.10
C ILE A 276 -12.00 -13.62 12.09
N ALA A 277 -11.87 -14.27 13.25
CA ALA A 277 -12.18 -15.71 13.38
C ALA A 277 -13.65 -16.06 13.10
N ASP A 278 -14.57 -15.12 13.37
CA ASP A 278 -16.01 -15.32 13.19
C ASP A 278 -16.56 -14.89 11.81
N VAL A 279 -15.67 -14.48 10.90
CA VAL A 279 -16.08 -14.00 9.56
C VAL A 279 -16.69 -15.12 8.71
N ILE A 280 -17.82 -14.81 8.08
CA ILE A 280 -18.53 -15.75 7.21
C ILE A 280 -18.67 -15.15 5.81
N PRO A 281 -18.81 -16.01 4.79
CA PRO A 281 -18.93 -15.51 3.43
C PRO A 281 -20.37 -15.21 3.01
N GLN A 282 -20.49 -14.51 1.88
CA GLN A 282 -21.74 -14.49 1.10
C GLN A 282 -21.73 -15.69 0.16
N THR A 283 -22.85 -16.43 0.10
CA THR A 283 -22.88 -17.67 -0.68
C THR A 283 -24.14 -17.73 -1.58
N LYS A 284 -23.94 -18.15 -2.83
CA LYS A 284 -25.03 -18.44 -3.79
C LYS A 284 -24.64 -19.70 -4.58
N GLY A 285 -25.32 -20.80 -4.30
CA GLY A 285 -25.01 -22.09 -4.94
C GLY A 285 -23.59 -22.53 -4.64
N ASN A 286 -22.82 -22.81 -5.71
CA ASN A 286 -21.43 -23.30 -5.60
C ASN A 286 -20.36 -22.16 -5.54
N ILE A 287 -20.78 -20.93 -5.24
CA ILE A 287 -19.86 -19.78 -5.12
C ILE A 287 -19.98 -19.15 -3.73
N SER A 288 -18.83 -18.93 -3.09
CA SER A 288 -18.73 -18.24 -1.80
C SER A 288 -17.68 -17.10 -1.91
N ILE A 289 -18.01 -15.94 -1.34
CA ILE A 289 -17.16 -14.73 -1.37
C ILE A 289 -16.87 -14.21 0.05
N TYR A 290 -15.59 -14.18 0.44
CA TYR A 290 -15.13 -13.64 1.72
C TYR A 290 -14.56 -12.23 1.56
N GLY A 291 -15.07 -11.28 2.34
CA GLY A 291 -14.45 -9.96 2.46
C GLY A 291 -13.49 -9.99 3.63
N ILE A 292 -12.20 -9.74 3.38
CA ILE A 292 -11.19 -9.83 4.44
C ILE A 292 -10.50 -8.45 4.65
N PRO A 293 -10.41 -7.98 5.91
CA PRO A 293 -9.92 -6.63 6.19
C PRO A 293 -8.39 -6.56 6.24
N TYR A 294 -7.76 -6.69 5.07
CA TYR A 294 -6.32 -6.61 4.95
C TYR A 294 -5.94 -5.16 4.67
N SER A 295 -5.49 -4.44 5.70
CA SER A 295 -5.13 -3.03 5.56
C SER A 295 -3.63 -2.79 5.35
N GLU A 296 -3.31 -1.90 4.40
CA GLU A 296 -1.94 -1.34 4.25
C GLU A 296 -1.85 0.13 4.72
N HIS A 297 -2.82 0.56 5.55
CA HIS A 297 -2.76 1.84 6.28
C HIS A 297 -2.83 1.61 7.81
N SER A 298 -2.26 2.55 8.58
CA SER A 298 -2.29 2.48 10.05
C SER A 298 -3.73 2.38 10.56
N SER A 299 -3.96 1.53 11.57
CA SER A 299 -5.15 1.70 12.42
C SER A 299 -5.04 2.99 13.25
N TYR A 300 -6.15 3.43 13.83
CA TYR A 300 -6.08 4.56 14.78
C TYR A 300 -5.01 4.34 15.86
N LEU A 301 -5.02 3.17 16.52
CA LEU A 301 -4.07 2.91 17.61
C LEU A 301 -2.60 2.89 17.15
N GLU A 302 -2.34 2.29 15.99
CA GLU A 302 -0.99 2.26 15.42
C GLU A 302 -0.48 3.68 15.09
N MET A 303 -1.35 4.50 14.50
CA MET A 303 -1.05 5.91 14.18
C MET A 303 -0.72 6.73 15.45
N LYS A 304 -1.57 6.58 16.47
CA LYS A 304 -1.42 7.28 17.75
C LYS A 304 -0.09 6.93 18.40
N ARG A 305 0.25 5.63 18.43
CA ARG A 305 1.53 5.19 19.03
C ARG A 305 2.72 5.81 18.31
N PHE A 306 2.73 5.76 16.99
CA PHE A 306 3.82 6.34 16.20
C PHE A 306 4.00 7.85 16.45
N VAL A 307 2.90 8.60 16.44
CA VAL A 307 2.99 10.05 16.62
C VAL A 307 3.43 10.42 18.05
N GLN A 308 2.89 9.72 19.05
CA GLN A 308 3.30 9.96 20.46
C GLN A 308 4.77 9.62 20.71
N TRP A 309 5.32 8.64 19.96
CA TRP A 309 6.77 8.33 20.01
C TRP A 309 7.61 9.41 19.31
N LEU A 310 7.17 9.82 18.12
CA LEU A 310 7.94 10.78 17.30
C LEU A 310 7.99 12.19 17.90
N LYS A 311 6.89 12.61 18.54
CA LYS A 311 6.80 13.92 19.20
C LYS A 311 7.10 15.11 18.25
N PRO A 312 6.35 15.19 17.12
CA PRO A 312 6.58 16.30 16.18
C PRO A 312 6.08 17.64 16.72
N GLN A 313 6.65 18.75 16.26
CA GLN A 313 6.17 20.06 16.69
C GLN A 313 4.88 20.48 16.00
N LYS A 314 4.71 20.06 14.74
CA LYS A 314 3.54 20.39 13.92
C LYS A 314 3.16 19.18 13.07
N ILE A 315 1.85 18.95 12.91
CA ILE A 315 1.33 17.89 12.04
C ILE A 315 0.47 18.50 10.93
N ILE A 316 0.75 18.08 9.68
CA ILE A 316 -0.03 18.41 8.48
C ILE A 316 -0.65 17.12 7.94
N PRO A 317 -1.97 16.93 8.11
CA PRO A 317 -2.63 15.77 7.48
C PRO A 317 -2.61 15.81 5.96
N THR A 318 -2.50 14.63 5.33
CA THR A 318 -2.54 14.51 3.86
C THR A 318 -3.75 13.72 3.30
N VAL A 319 -4.63 13.23 4.19
CA VAL A 319 -5.84 12.47 3.82
C VAL A 319 -7.02 12.97 4.66
N ASN A 320 -8.22 12.95 4.07
CA ASN A 320 -9.43 13.47 4.70
C ASN A 320 -9.35 14.99 4.95
N VAL A 321 -8.69 15.72 4.05
CA VAL A 321 -8.49 17.16 4.21
C VAL A 321 -9.59 18.04 3.60
N GLY A 322 -10.60 17.42 3.00
CA GLY A 322 -11.58 18.15 2.19
C GLY A 322 -12.79 18.75 2.90
N THR A 323 -13.08 18.32 4.13
CA THR A 323 -14.24 18.84 4.88
C THR A 323 -13.84 19.49 6.21
N TRP A 324 -14.61 20.48 6.64
CA TRP A 324 -14.33 21.14 7.91
C TRP A 324 -14.52 20.15 9.07
N LYS A 325 -15.53 19.29 8.99
CA LYS A 325 -15.74 18.26 10.03
C LYS A 325 -14.55 17.33 10.18
N SER A 326 -14.03 16.81 9.06
CA SER A 326 -12.83 15.94 9.10
C SER A 326 -11.62 16.65 9.69
N ARG A 327 -11.35 17.86 9.20
CA ARG A 327 -10.20 18.63 9.67
C ARG A 327 -10.29 18.92 11.18
N SER A 328 -11.46 19.36 11.65
CA SER A 328 -11.68 19.64 13.08
C SER A 328 -11.51 18.39 13.95
N THR A 329 -12.08 17.28 13.52
CA THR A 329 -11.97 16.01 14.27
C THR A 329 -10.49 15.54 14.40
N MET A 330 -9.74 15.59 13.30
CA MET A 330 -8.32 15.18 13.36
C MET A 330 -7.50 16.08 14.30
N GLU A 331 -7.73 17.39 14.21
N GLU A 331 -7.71 17.39 14.21
CA GLU A 331 -7.05 18.36 15.07
CA GLU A 331 -7.02 18.33 15.10
C GLU A 331 -7.33 18.12 16.57
C GLU A 331 -7.30 18.03 16.58
N LYS A 332 -8.56 17.74 16.91
CA LYS A 332 -8.91 17.37 18.31
C LYS A 332 -8.14 16.13 18.78
N TYR A 333 -8.01 15.12 17.92
CA TYR A 333 -7.21 13.93 18.29
C TYR A 333 -5.74 14.28 18.47
N PHE A 334 -5.18 15.10 17.59
CA PHE A 334 -3.75 15.45 17.73
C PHE A 334 -3.50 16.16 19.08
N ARG A 335 -4.43 17.04 19.48
CA ARG A 335 -4.30 17.74 20.77
C ARG A 335 -4.45 16.79 21.96
N GLU A 336 -5.38 15.83 21.89
N GLU A 336 -5.37 15.83 21.87
CA GLU A 336 -5.46 14.83 22.93
CA GLU A 336 -5.51 14.80 22.90
C GLU A 336 -4.13 14.10 23.07
C GLU A 336 -4.26 13.93 23.07
N TRP A 337 -3.59 13.62 21.95
CA TRP A 337 -2.34 12.82 21.96
C TRP A 337 -1.19 13.61 22.58
N LYS A 338 -1.10 14.88 22.22
CA LYS A 338 -0.07 15.80 22.74
C LYS A 338 -0.21 16.01 24.26
N LEU A 339 -1.44 16.14 24.76
N LEU A 339 -1.42 16.30 24.73
CA LEU A 339 -1.72 16.25 26.21
CA LEU A 339 -1.63 16.55 26.17
C LEU A 339 -1.49 14.96 27.03
C LEU A 339 -1.33 15.29 26.99
N GLU A 340 -1.83 13.80 26.46
N GLU A 340 -1.77 14.12 26.50
CA GLU A 340 -1.68 12.52 27.15
CA GLU A 340 -1.43 12.83 27.13
C GLU A 340 -0.20 12.14 27.37
C GLU A 340 0.08 12.58 27.16
N ALA A 341 0.66 12.47 26.41
N ALA A 341 0.74 12.85 26.02
CA ALA A 341 2.08 12.10 26.45
CA ALA A 341 2.18 12.63 25.87
C ALA A 341 2.96 13.21 27.02
C ALA A 341 3.04 13.58 26.71
N GLY A 342 2.60 14.48 26.75
N GLY A 342 2.42 14.60 27.30
CA GLY A 342 3.25 15.65 27.37
CA GLY A 342 3.06 15.48 28.29
C GLY A 342 4.25 16.43 26.54
C GLY A 342 3.40 16.88 27.82
N TYR A 343 4.19 16.29 25.21
N TYR A 343 2.89 17.28 26.65
CA TYR A 343 5.13 16.98 24.32
CA TYR A 343 3.07 18.63 26.12
C TYR A 343 4.55 18.30 23.80
C TYR A 343 1.73 19.37 26.13
#